data_8QSB
#
_entry.id   8QSB
#
_cell.length_a   62.670
_cell.length_b   148.702
_cell.length_c   154.500
_cell.angle_alpha   90.00
_cell.angle_beta   90.00
_cell.angle_gamma   90.00
#
_symmetry.space_group_name_H-M   'I 21 21 21'
#
loop_
_entity.id
_entity.type
_entity.pdbx_description
1 polymer '14-3-3 protein sigma'
2 polymer 'ARAF peptide pS214'
3 non-polymer 1-[(5~{R})-2-(4-bromanyl-3-fluoranyl-phenyl)sulfonyl-2,7-diazaspiro[4.4]nonan-7-yl]-2-chloranyl-ethanone
4 non-polymer 'MAGNESIUM ION'
5 non-polymer 'CHLORIDE ION'
6 water water
#
loop_
_entity_poly.entity_id
_entity_poly.type
_entity_poly.pdbx_seq_one_letter_code
_entity_poly.pdbx_strand_id
1 'polypeptide(L)'
;GAMGSMERASLIQKAKLAEQAERYEDMAAFMKGAVEKGEELSCEERNLLSVAYKNVVGGQRAAWRVLSSIEQKSNEEGSE
EKGPEVREYREKVETELQGVCDTVLGLLDSHLIKEAGDAESRVFYLKMKGDYYRYLAEVATGDDKKRIIDSARSAYQEAM
DISKKEMPPTNPIRLGLALNFSVFHYEIANSPEEAISLAKTTFDEAMADLHTLSEDSYKDSTLIMQLLRDNLTLWT
;
A,J
2 'polypeptide(L)' IRST(SEP)TPNVH H,S
#
# COMPACT_ATOMS: atom_id res chain seq x y z
N GLY A 1 23.02 -10.19 3.18
CA GLY A 1 22.14 -9.06 2.97
C GLY A 1 21.73 -8.39 4.28
N ALA A 2 20.70 -7.54 4.19
CA ALA A 2 20.34 -6.62 5.24
C ALA A 2 19.84 -7.31 6.51
N MET A 3 19.40 -8.58 6.38
CA MET A 3 18.86 -9.32 7.51
C MET A 3 19.86 -10.32 8.09
N GLY A 4 21.09 -10.27 7.56
CA GLY A 4 22.14 -11.22 7.92
C GLY A 4 22.47 -11.30 9.41
N SER A 5 22.36 -10.16 10.12
CA SER A 5 22.76 -10.12 11.53
C SER A 5 21.62 -10.49 12.48
N MET A 6 20.39 -10.61 11.97
CA MET A 6 19.23 -10.90 12.81
C MET A 6 18.97 -12.38 12.95
N GLU A 7 18.66 -12.80 14.18
CA GLU A 7 18.26 -14.18 14.42
C GLU A 7 17.02 -14.59 13.63
N ARG A 8 17.05 -15.82 13.12
CA ARG A 8 15.89 -16.41 12.45
C ARG A 8 14.59 -16.19 13.20
N ALA A 9 14.58 -16.49 14.51
CA ALA A 9 13.34 -16.38 15.27
C ALA A 9 12.84 -14.94 15.32
N SER A 10 13.77 -13.98 15.40
CA SER A 10 13.42 -12.57 15.40
C SER A 10 12.85 -12.12 14.05
N LEU A 11 13.39 -12.66 12.95
CA LEU A 11 12.88 -12.37 11.63
C LEU A 11 11.44 -12.88 11.46
N ILE A 12 11.16 -14.09 11.96
CA ILE A 12 9.82 -14.64 11.89
C ILE A 12 8.85 -13.78 12.72
N GLN A 13 9.30 -13.41 13.92
CA GLN A 13 8.51 -12.55 14.79
C GLN A 13 8.16 -11.21 14.13
N LYS A 14 9.16 -10.60 13.50
CA LYS A 14 8.96 -9.32 12.84
C LYS A 14 8.10 -9.45 11.58
N ALA A 15 8.20 -10.58 10.89
CA ALA A 15 7.31 -10.83 9.77
C ALA A 15 5.85 -10.81 10.24
N LYS A 16 5.60 -11.45 11.38
CA LYS A 16 4.25 -11.45 11.92
C LYS A 16 3.77 -10.05 12.31
N LEU A 17 4.64 -9.25 12.92
CA LEU A 17 4.32 -7.86 13.23
C LEU A 17 4.04 -7.03 11.99
N ALA A 18 4.86 -7.22 10.96
CA ALA A 18 4.68 -6.50 9.72
C ALA A 18 3.35 -6.86 9.06
N GLU A 19 2.97 -8.14 9.13
CA GLU A 19 1.65 -8.56 8.64
C GLU A 19 0.54 -7.83 9.40
N GLN A 20 0.67 -7.74 10.72
CA GLN A 20 -0.32 -7.02 11.51
C GLN A 20 -0.38 -5.54 11.16
N ALA A 21 0.77 -4.96 10.80
CA ALA A 21 0.85 -3.55 10.46
C ALA A 21 0.60 -3.28 8.98
N GLU A 22 0.30 -4.33 8.22
CA GLU A 22 0.06 -4.26 6.78
C GLU A 22 1.27 -3.65 6.08
N ARG A 23 2.47 -4.03 6.55
CA ARG A 23 3.72 -3.59 5.95
C ARG A 23 4.30 -4.75 5.16
N TYR A 24 3.76 -4.99 3.96
CA TYR A 24 4.04 -6.23 3.26
C TYR A 24 5.43 -6.27 2.63
N GLU A 25 5.98 -5.11 2.24
CA GLU A 25 7.33 -5.10 1.74
C GLU A 25 8.30 -5.51 2.85
N ASP A 26 8.10 -4.95 4.04
CA ASP A 26 8.90 -5.31 5.21
C ASP A 26 8.73 -6.80 5.53
N MET A 27 7.49 -7.28 5.47
CA MET A 27 7.18 -8.68 5.75
C MET A 27 7.96 -9.59 4.79
N ALA A 28 7.98 -9.21 3.51
CA ALA A 28 8.69 -9.98 2.51
C ALA A 28 10.19 -9.99 2.79
N ALA A 29 10.75 -8.82 3.18
CA ALA A 29 12.16 -8.73 3.49
C ALA A 29 12.56 -9.61 4.67
N PHE A 30 11.75 -9.59 5.74
CA PHE A 30 11.98 -10.42 6.89
C PHE A 30 11.95 -11.91 6.54
N MET A 31 10.97 -12.31 5.73
CA MET A 31 10.84 -13.71 5.37
C MET A 31 11.96 -14.15 4.43
N LYS A 32 12.43 -13.27 3.53
CA LYS A 32 13.58 -13.57 2.71
C LYS A 32 14.81 -13.81 3.60
N GLY A 33 14.98 -12.94 4.59
CA GLY A 33 16.04 -13.10 5.57
C GLY A 33 15.95 -14.45 6.28
N ALA A 34 14.74 -14.85 6.64
CA ALA A 34 14.56 -16.11 7.34
C ALA A 34 14.88 -17.29 6.42
N VAL A 35 14.40 -17.23 5.17
CA VAL A 35 14.76 -18.26 4.20
C VAL A 35 16.27 -18.41 4.07
N GLU A 36 17.00 -17.28 4.03
CA GLU A 36 18.42 -17.30 3.80
C GLU A 36 19.24 -17.85 4.96
N LYS A 37 18.60 -18.11 6.10
CA LYS A 37 19.26 -18.81 7.19
C LYS A 37 19.50 -20.27 6.79
N GLY A 38 18.76 -20.76 5.80
CA GLY A 38 19.08 -22.05 5.20
C GLY A 38 18.38 -23.23 5.87
N GLU A 39 17.48 -22.95 6.81
CA GLU A 39 16.65 -23.99 7.41
C GLU A 39 15.32 -24.07 6.67
N GLU A 40 14.66 -25.22 6.75
CA GLU A 40 13.33 -25.39 6.18
C GLU A 40 12.33 -24.44 6.83
N LEU A 41 11.30 -24.08 6.07
CA LEU A 41 10.15 -23.37 6.60
C LEU A 41 9.03 -24.34 6.96
N SER A 42 8.41 -24.15 8.12
CA SER A 42 7.16 -24.82 8.45
C SER A 42 5.99 -24.32 7.60
N CYS A 43 4.86 -25.04 7.68
CA CYS A 43 3.59 -24.63 7.08
C CYS A 43 3.23 -23.18 7.39
N GLU A 44 3.26 -22.82 8.67
CA GLU A 44 2.94 -21.46 9.11
C GLU A 44 3.92 -20.43 8.54
N GLU A 45 5.21 -20.80 8.46
CA GLU A 45 6.23 -19.91 7.91
C GLU A 45 6.09 -19.76 6.40
N ARG A 46 5.74 -20.85 5.71
CA ARG A 46 5.45 -20.77 4.28
C ARG A 46 4.28 -19.83 4.02
N ASN A 47 3.30 -19.84 4.91
CA ASN A 47 2.19 -18.92 4.81
C ASN A 47 2.65 -17.46 4.86
N LEU A 48 3.52 -17.12 5.81
CA LEU A 48 4.07 -15.77 5.92
C LEU A 48 4.81 -15.35 4.66
N LEU A 49 5.66 -16.23 4.13
CA LEU A 49 6.37 -15.99 2.90
C LEU A 49 5.40 -15.70 1.77
N SER A 50 4.37 -16.56 1.65
CA SER A 50 3.38 -16.48 0.60
C SER A 50 2.57 -15.19 0.68
N VAL A 51 2.07 -14.88 1.87
CA VAL A 51 1.23 -13.69 2.06
C VAL A 51 2.01 -12.43 1.71
N ALA A 52 3.26 -12.37 2.18
CA ALA A 52 4.08 -11.18 1.98
C ALA A 52 4.32 -10.91 0.49
N TYR A 53 4.88 -11.89 -0.20
CA TYR A 53 5.21 -11.68 -1.60
C TYR A 53 3.98 -11.52 -2.47
N LYS A 54 2.89 -12.23 -2.14
CA LYS A 54 1.67 -12.11 -2.94
C LYS A 54 1.09 -10.70 -2.83
N ASN A 55 1.15 -10.10 -1.64
CA ASN A 55 0.71 -8.73 -1.43
C ASN A 55 1.55 -7.75 -2.26
N VAL A 56 2.87 -7.89 -2.21
CA VAL A 56 3.74 -6.99 -2.94
C VAL A 56 3.49 -7.11 -4.45
N VAL A 57 3.57 -8.35 -4.98
CA VAL A 57 3.41 -8.54 -6.41
C VAL A 57 1.98 -8.19 -6.86
N GLY A 58 1.01 -8.43 -5.98
CA GLY A 58 -0.38 -8.10 -6.26
C GLY A 58 -0.62 -6.60 -6.50
N GLY A 59 -0.02 -5.76 -5.66
CA GLY A 59 -0.02 -4.32 -5.86
C GLY A 59 0.63 -3.90 -7.18
N GLN A 60 1.75 -4.55 -7.54
CA GLN A 60 2.42 -4.26 -8.81
C GLN A 60 1.59 -4.68 -10.02
N ARG A 61 1.00 -5.90 -9.96
CA ARG A 61 0.15 -6.37 -11.05
C ARG A 61 -1.04 -5.44 -11.24
N ALA A 62 -1.68 -5.02 -10.14
CA ALA A 62 -2.81 -4.12 -10.22
C ALA A 62 -2.42 -2.79 -10.87
N ALA A 63 -1.27 -2.24 -10.45
CA ALA A 63 -0.75 -1.01 -11.01
C ALA A 63 -0.41 -1.20 -12.50
N TRP A 64 0.28 -2.30 -12.83
CA TRP A 64 0.64 -2.59 -14.21
C TRP A 64 -0.59 -2.65 -15.12
N ARG A 65 -1.66 -3.29 -14.64
CA ARG A 65 -2.89 -3.43 -15.42
C ARG A 65 -3.53 -2.08 -15.70
N VAL A 66 -3.58 -1.19 -14.69
CA VAL A 66 -4.09 0.15 -14.88
C VAL A 66 -3.34 0.90 -15.98
N LEU A 67 -2.00 0.87 -15.88
CA LEU A 67 -1.16 1.63 -16.78
C LEU A 67 -1.17 1.03 -18.18
N SER A 68 -1.15 -0.31 -18.25
CA SER A 68 -1.25 -0.99 -19.56
C SER A 68 -2.56 -0.66 -20.27
N SER A 69 -3.66 -0.60 -19.50
CA SER A 69 -4.94 -0.23 -20.09
C SER A 69 -4.96 1.22 -20.59
N ILE A 70 -4.35 2.15 -19.84
CA ILE A 70 -4.24 3.53 -20.29
C ILE A 70 -3.42 3.59 -21.57
N GLU A 71 -2.34 2.79 -21.58
CA GLU A 71 -1.41 2.72 -22.70
C GLU A 71 -2.09 2.20 -23.98
N GLN A 72 -2.78 1.07 -23.87
CA GLN A 72 -3.47 0.49 -25.00
C GLN A 72 -4.52 1.45 -25.53
N LYS A 73 -5.27 2.09 -24.62
CA LYS A 73 -6.30 3.04 -25.02
C LYS A 73 -5.70 4.27 -25.71
N SER A 74 -4.52 4.71 -25.27
CA SER A 74 -3.83 5.83 -25.88
C SER A 74 -3.15 5.50 -27.21
N ASN A 75 -3.16 4.21 -27.59
CA ASN A 75 -2.67 3.75 -28.88
C ASN A 75 -3.82 3.38 -29.83
N GLU A 76 -4.87 4.21 -29.85
CA GLU A 76 -5.97 4.09 -30.79
C GLU A 76 -5.98 5.22 -31.83
N LYS A 82 0.41 11.63 -28.68
CA LYS A 82 0.78 10.96 -27.43
C LYS A 82 2.29 11.01 -27.18
N GLY A 83 2.68 11.43 -25.98
CA GLY A 83 4.07 11.40 -25.57
C GLY A 83 4.47 10.04 -25.00
N PRO A 84 5.74 9.88 -24.61
CA PRO A 84 6.24 8.59 -24.13
C PRO A 84 5.93 8.25 -22.66
N GLU A 85 5.31 9.19 -21.93
CA GLU A 85 5.22 9.07 -20.47
C GLU A 85 4.50 7.82 -19.97
N VAL A 86 3.36 7.48 -20.59
CA VAL A 86 2.61 6.32 -20.14
C VAL A 86 3.46 5.05 -20.31
N ARG A 87 4.06 4.88 -21.50
CA ARG A 87 4.93 3.74 -21.73
C ARG A 87 6.07 3.69 -20.72
N GLU A 88 6.74 4.83 -20.53
CA GLU A 88 7.87 4.89 -19.61
C GLU A 88 7.48 4.42 -18.22
N TYR A 89 6.36 4.94 -17.73
CA TYR A 89 5.97 4.62 -16.35
C TYR A 89 5.48 3.18 -16.26
N ARG A 90 4.77 2.69 -17.29
CA ARG A 90 4.39 1.29 -17.32
C ARG A 90 5.62 0.38 -17.29
N GLU A 91 6.66 0.73 -18.05
CA GLU A 91 7.92 -0.01 -18.04
C GLU A 91 8.63 0.00 -16.68
N LYS A 92 8.54 1.12 -15.97
CA LYS A 92 9.13 1.25 -14.65
C LYS A 92 8.47 0.27 -13.68
N VAL A 93 7.13 0.28 -13.67
CA VAL A 93 6.39 -0.62 -12.79
C VAL A 93 6.65 -2.06 -13.21
N GLU A 94 6.68 -2.32 -14.52
CA GLU A 94 6.94 -3.64 -15.05
C GLU A 94 8.30 -4.17 -14.59
N THR A 95 9.31 -3.31 -14.65
CA THR A 95 10.65 -3.69 -14.24
C THR A 95 10.70 -4.06 -12.76
N GLU A 96 10.01 -3.28 -11.93
CA GLU A 96 9.94 -3.59 -10.52
C GLU A 96 9.25 -4.93 -10.25
N LEU A 97 8.16 -5.19 -10.99
CA LEU A 97 7.40 -6.42 -10.85
C LEU A 97 8.27 -7.63 -11.19
N GLN A 98 9.00 -7.50 -12.31
CA GLN A 98 9.89 -8.56 -12.76
C GLN A 98 10.97 -8.80 -11.72
N GLY A 99 11.44 -7.73 -11.07
CA GLY A 99 12.47 -7.87 -10.06
C GLY A 99 12.00 -8.66 -8.84
N VAL A 100 10.76 -8.41 -8.41
CA VAL A 100 10.15 -9.14 -7.32
C VAL A 100 9.96 -10.62 -7.67
N CYS A 101 9.43 -10.92 -8.86
CA CYS A 101 9.31 -12.28 -9.36
C CYS A 101 10.65 -13.01 -9.41
N ASP A 102 11.68 -12.30 -9.92
CA ASP A 102 13.03 -12.86 -9.97
C ASP A 102 13.57 -13.18 -8.59
N THR A 103 13.30 -12.29 -7.62
CA THR A 103 13.69 -12.55 -6.24
C THR A 103 13.05 -13.83 -5.71
N VAL A 104 11.73 -13.94 -5.88
CA VAL A 104 10.99 -15.11 -5.41
C VAL A 104 11.50 -16.38 -6.08
N LEU A 105 11.64 -16.34 -7.40
CA LEU A 105 12.09 -17.50 -8.15
C LEU A 105 13.52 -17.88 -7.75
N GLY A 106 14.34 -16.88 -7.45
CA GLY A 106 15.68 -17.09 -6.95
C GLY A 106 15.72 -17.79 -5.59
N LEU A 107 14.86 -17.37 -4.66
CA LEU A 107 14.76 -18.00 -3.36
C LEU A 107 14.31 -19.46 -3.49
N LEU A 108 13.33 -19.68 -4.37
CA LEU A 108 12.77 -21.01 -4.59
C LEU A 108 13.87 -21.91 -5.11
N ASP A 109 14.63 -21.43 -6.08
CA ASP A 109 15.67 -22.26 -6.70
C ASP A 109 16.84 -22.48 -5.75
N SER A 110 17.32 -21.40 -5.10
CA SER A 110 18.54 -21.51 -4.31
C SER A 110 18.31 -22.15 -2.93
N HIS A 111 17.11 -22.02 -2.36
CA HIS A 111 16.90 -22.47 -0.98
C HIS A 111 15.74 -23.44 -0.74
N LEU A 112 14.61 -23.28 -1.43
CA LEU A 112 13.36 -23.88 -0.97
C LEU A 112 12.95 -25.16 -1.70
N ILE A 113 13.14 -25.21 -3.03
CA ILE A 113 12.80 -26.38 -3.80
C ILE A 113 13.86 -27.46 -3.60
N LYS A 114 13.42 -28.61 -3.07
CA LYS A 114 14.29 -29.72 -2.72
C LYS A 114 13.62 -31.04 -3.10
N GLU A 115 14.45 -32.09 -3.24
CA GLU A 115 13.93 -33.44 -3.43
C GLU A 115 13.27 -33.98 -2.16
N ALA A 116 13.81 -33.61 -1.00
CA ALA A 116 13.33 -34.08 0.29
C ALA A 116 12.14 -33.26 0.81
N GLY A 117 11.61 -33.68 1.97
CA GLY A 117 10.55 -32.98 2.66
C GLY A 117 9.18 -33.58 2.33
N ASP A 118 8.16 -33.19 3.09
CA ASP A 118 6.84 -33.74 2.87
C ASP A 118 6.23 -33.21 1.56
N ALA A 119 5.14 -33.87 1.16
CA ALA A 119 4.42 -33.57 -0.07
C ALA A 119 3.93 -32.13 -0.07
N GLU A 120 3.34 -31.69 1.04
CA GLU A 120 2.86 -30.33 1.15
C GLU A 120 3.93 -29.32 0.78
N SER A 121 5.12 -29.45 1.37
CA SER A 121 6.17 -28.45 1.14
C SER A 121 6.61 -28.47 -0.33
N ARG A 122 6.81 -29.68 -0.89
CA ARG A 122 7.29 -29.79 -2.25
C ARG A 122 6.27 -29.26 -3.25
N VAL A 123 4.99 -29.57 -3.00
CA VAL A 123 3.93 -29.09 -3.87
C VAL A 123 3.78 -27.58 -3.73
N PHE A 124 3.80 -27.08 -2.48
CA PHE A 124 3.63 -25.65 -2.26
C PHE A 124 4.68 -24.87 -3.03
N TYR A 125 5.96 -25.27 -2.95
CA TYR A 125 7.02 -24.49 -3.56
C TYR A 125 6.98 -24.56 -5.09
N LEU A 126 6.61 -25.72 -5.64
CA LEU A 126 6.50 -25.84 -7.08
C LEU A 126 5.29 -25.07 -7.59
N LYS A 127 4.18 -25.07 -6.83
CA LYS A 127 3.05 -24.20 -7.13
C LYS A 127 3.50 -22.74 -7.17
N MET A 128 4.28 -22.33 -6.16
CA MET A 128 4.75 -20.96 -6.08
C MET A 128 5.64 -20.61 -7.27
N LYS A 129 6.51 -21.54 -7.69
CA LYS A 129 7.30 -21.34 -8.88
C LYS A 129 6.45 -21.11 -10.13
N GLY A 130 5.42 -21.94 -10.32
CA GLY A 130 4.46 -21.76 -11.39
C GLY A 130 3.77 -20.39 -11.36
N ASP A 131 3.31 -19.99 -10.17
CA ASP A 131 2.65 -18.72 -10.00
C ASP A 131 3.54 -17.54 -10.41
N TYR A 132 4.80 -17.52 -9.95
CA TYR A 132 5.65 -16.38 -10.22
C TYR A 132 6.18 -16.36 -11.65
N TYR A 133 6.30 -17.53 -12.29
CA TYR A 133 6.52 -17.54 -13.73
C TYR A 133 5.28 -17.02 -14.47
N ARG A 134 4.10 -17.37 -13.96
CA ARG A 134 2.84 -16.91 -14.55
C ARG A 134 2.77 -15.38 -14.46
N TYR A 135 3.16 -14.80 -13.31
CA TYR A 135 3.16 -13.35 -13.19
C TYR A 135 4.14 -12.71 -14.18
N LEU A 136 5.30 -13.33 -14.40
CA LEU A 136 6.22 -12.85 -15.43
C LEU A 136 5.62 -12.96 -16.83
N ALA A 137 4.86 -14.04 -17.04
CA ALA A 137 4.23 -14.26 -18.33
C ALA A 137 3.16 -13.21 -18.64
N GLU A 138 2.47 -12.70 -17.60
CA GLU A 138 1.46 -11.66 -17.80
C GLU A 138 2.02 -10.38 -18.43
N VAL A 139 3.31 -10.09 -18.22
CA VAL A 139 3.91 -8.88 -18.76
C VAL A 139 4.93 -9.13 -19.87
N ALA A 140 5.17 -10.40 -20.20
CA ALA A 140 6.20 -10.75 -21.15
C ALA A 140 5.70 -10.60 -22.60
N THR A 141 6.66 -10.42 -23.52
CA THR A 141 6.41 -10.51 -24.95
C THR A 141 7.51 -11.27 -25.69
N GLY A 142 7.21 -11.63 -26.94
CA GLY A 142 8.18 -12.22 -27.85
C GLY A 142 8.77 -13.55 -27.38
N ASP A 143 10.07 -13.73 -27.65
CA ASP A 143 10.82 -14.93 -27.32
C ASP A 143 10.72 -15.26 -25.83
N ASP A 144 10.92 -14.21 -25.02
CA ASP A 144 11.00 -14.39 -23.59
C ASP A 144 9.71 -15.05 -23.09
N LYS A 145 8.57 -14.66 -23.68
CA LYS A 145 7.26 -15.11 -23.23
C LYS A 145 7.01 -16.61 -23.37
N LYS A 146 7.38 -17.16 -24.54
CA LYS A 146 7.20 -18.59 -24.78
C LYS A 146 7.99 -19.39 -23.75
N ARG A 147 9.24 -19.00 -23.52
CA ARG A 147 10.09 -19.64 -22.53
C ARG A 147 9.48 -19.57 -21.12
N ILE A 148 8.96 -18.40 -20.76
CA ILE A 148 8.39 -18.19 -19.42
C ILE A 148 7.16 -19.07 -19.21
N ILE A 149 6.29 -19.09 -20.22
CA ILE A 149 5.11 -19.94 -20.18
C ILE A 149 5.47 -21.42 -20.01
N ASP A 150 6.48 -21.91 -20.73
CA ASP A 150 6.93 -23.28 -20.60
C ASP A 150 7.43 -23.56 -19.18
N SER A 151 8.20 -22.61 -18.62
CA SER A 151 8.68 -22.75 -17.26
C SER A 151 7.53 -22.85 -16.24
N ALA A 152 6.51 -21.98 -16.41
CA ALA A 152 5.32 -22.03 -15.57
C ALA A 152 4.61 -23.38 -15.68
N ARG A 153 4.32 -23.80 -16.91
CA ARG A 153 3.63 -25.07 -17.14
C ARG A 153 4.38 -26.24 -16.50
N SER A 154 5.70 -26.28 -16.70
CA SER A 154 6.51 -27.38 -16.19
C SER A 154 6.51 -27.45 -14.65
N ALA A 155 6.59 -26.30 -13.99
CA ALA A 155 6.51 -26.25 -12.54
C ALA A 155 5.16 -26.73 -12.04
N TYR A 156 4.08 -26.22 -12.65
CA TYR A 156 2.74 -26.63 -12.27
C TYR A 156 2.53 -28.13 -12.47
N GLN A 157 3.01 -28.65 -13.59
CA GLN A 157 2.74 -30.03 -13.93
C GLN A 157 3.48 -30.95 -12.96
N GLU A 158 4.72 -30.60 -12.59
CA GLU A 158 5.43 -31.38 -11.58
C GLU A 158 4.70 -31.34 -10.24
N ALA A 159 4.21 -30.16 -9.86
CA ALA A 159 3.43 -30.04 -8.63
C ALA A 159 2.17 -30.91 -8.68
N MET A 160 1.50 -30.93 -9.84
CA MET A 160 0.27 -31.67 -10.01
C MET A 160 0.53 -33.17 -9.84
N ASP A 161 1.62 -33.64 -10.45
CA ASP A 161 1.96 -35.06 -10.40
C ASP A 161 2.12 -35.53 -8.96
N ILE A 162 2.89 -34.77 -8.18
CA ILE A 162 3.07 -35.07 -6.76
C ILE A 162 1.76 -34.99 -5.97
N SER A 163 0.95 -33.94 -6.20
CA SER A 163 -0.26 -33.76 -5.41
C SER A 163 -1.24 -34.91 -5.63
N LYS A 164 -1.35 -35.40 -6.87
CA LYS A 164 -2.30 -36.46 -7.15
C LYS A 164 -1.85 -37.78 -6.55
N LYS A 165 -0.54 -37.99 -6.42
CA LYS A 165 -0.03 -39.21 -5.81
C LYS A 165 -0.04 -39.16 -4.28
N GLU A 166 0.24 -37.99 -3.71
CA GLU A 166 0.57 -37.94 -2.30
C GLU A 166 -0.43 -37.20 -1.41
N MET A 167 -1.45 -36.56 -1.99
CA MET A 167 -2.32 -35.73 -1.17
C MET A 167 -3.78 -36.10 -1.40
N PRO A 168 -4.66 -35.97 -0.37
CA PRO A 168 -6.08 -36.18 -0.60
C PRO A 168 -6.64 -35.14 -1.56
N PRO A 169 -7.73 -35.47 -2.28
CA PRO A 169 -8.27 -34.56 -3.28
C PRO A 169 -8.89 -33.27 -2.76
N THR A 170 -9.13 -33.18 -1.43
CA THR A 170 -9.56 -31.95 -0.80
C THR A 170 -8.44 -31.13 -0.14
N ASN A 171 -7.20 -31.60 -0.23
CA ASN A 171 -6.10 -30.87 0.38
C ASN A 171 -6.02 -29.45 -0.18
N PRO A 172 -5.93 -28.40 0.67
CA PRO A 172 -6.04 -27.04 0.16
C PRO A 172 -4.90 -26.59 -0.75
N ILE A 173 -3.69 -27.10 -0.53
CA ILE A 173 -2.58 -26.85 -1.43
C ILE A 173 -2.82 -27.52 -2.78
N ARG A 174 -3.27 -28.79 -2.76
CA ARG A 174 -3.63 -29.46 -4.01
C ARG A 174 -4.71 -28.68 -4.74
N LEU A 175 -5.74 -28.23 -4.01
CA LEU A 175 -6.82 -27.52 -4.66
C LEU A 175 -6.37 -26.16 -5.20
N GLY A 176 -5.63 -25.42 -4.39
CA GLY A 176 -5.12 -24.12 -4.80
C GLY A 176 -4.19 -24.23 -6.02
N LEU A 177 -3.35 -25.27 -6.03
CA LEU A 177 -2.52 -25.54 -7.19
C LEU A 177 -3.36 -25.75 -8.45
N ALA A 178 -4.37 -26.62 -8.34
CA ALA A 178 -5.22 -26.94 -9.48
C ALA A 178 -5.98 -25.71 -9.95
N LEU A 179 -6.47 -24.92 -9.00
CA LEU A 179 -7.13 -23.66 -9.32
C LEU A 179 -6.18 -22.77 -10.12
N ASN A 180 -4.95 -22.60 -9.62
CA ASN A 180 -4.01 -21.69 -10.27
C ASN A 180 -3.55 -22.21 -11.62
N PHE A 181 -3.37 -23.53 -11.74
CA PHE A 181 -3.00 -24.10 -13.03
C PHE A 181 -4.13 -23.91 -14.06
N SER A 182 -5.39 -24.04 -13.59
CA SER A 182 -6.52 -23.86 -14.47
C SER A 182 -6.56 -22.41 -14.97
N VAL A 183 -6.23 -21.46 -14.08
CA VAL A 183 -6.18 -20.04 -14.44
C VAL A 183 -5.08 -19.83 -15.49
N PHE A 184 -3.91 -20.42 -15.28
CA PHE A 184 -2.85 -20.43 -16.28
C PHE A 184 -3.35 -20.89 -17.65
N HIS A 185 -4.05 -22.04 -17.68
CA HIS A 185 -4.55 -22.55 -18.94
C HIS A 185 -5.49 -21.57 -19.64
N TYR A 186 -6.40 -20.96 -18.85
CA TYR A 186 -7.40 -20.07 -19.41
C TYR A 186 -6.81 -18.73 -19.82
N GLU A 187 -6.06 -18.10 -18.90
CA GLU A 187 -5.63 -16.71 -19.06
C GLU A 187 -4.30 -16.55 -19.78
N ILE A 188 -3.41 -17.54 -19.70
CA ILE A 188 -2.05 -17.42 -20.19
C ILE A 188 -1.81 -18.25 -21.45
N ALA A 189 -2.12 -19.56 -21.35
CA ALA A 189 -1.80 -20.51 -22.40
C ALA A 189 -2.88 -20.60 -23.47
N ASN A 190 -3.94 -19.80 -23.30
CA ASN A 190 -5.08 -19.78 -24.22
C ASN A 190 -5.59 -21.19 -24.54
N SER A 191 -5.91 -21.94 -23.48
CA SER A 191 -6.42 -23.29 -23.59
C SER A 191 -7.66 -23.44 -22.71
N PRO A 192 -8.79 -22.80 -23.08
CA PRO A 192 -9.98 -22.83 -22.24
C PRO A 192 -10.47 -24.23 -21.92
N GLU A 193 -10.37 -25.15 -22.88
CA GLU A 193 -10.85 -26.52 -22.68
C GLU A 193 -10.04 -27.25 -21.60
N GLU A 194 -8.71 -27.05 -21.59
CA GLU A 194 -7.85 -27.63 -20.58
C GLU A 194 -8.14 -27.03 -19.21
N ALA A 195 -8.41 -25.72 -19.19
CA ALA A 195 -8.77 -25.02 -17.97
C ALA A 195 -10.07 -25.59 -17.40
N ILE A 196 -11.09 -25.70 -18.24
CA ILE A 196 -12.41 -26.15 -17.82
C ILE A 196 -12.31 -27.58 -17.30
N SER A 197 -11.63 -28.42 -18.07
CA SER A 197 -11.48 -29.83 -17.75
C SER A 197 -10.77 -30.03 -16.41
N LEU A 198 -9.68 -29.30 -16.20
CA LEU A 198 -8.95 -29.40 -14.94
C LEU A 198 -9.80 -28.94 -13.76
N ALA A 199 -10.48 -27.81 -13.93
CA ALA A 199 -11.27 -27.24 -12.85
C ALA A 199 -12.44 -28.14 -12.49
N LYS A 200 -13.12 -28.67 -13.51
CA LYS A 200 -14.22 -29.59 -13.31
C LYS A 200 -13.78 -30.88 -12.62
N THR A 201 -12.72 -31.51 -13.12
CA THR A 201 -12.17 -32.71 -12.52
C THR A 201 -11.79 -32.47 -11.06
N THR A 202 -11.13 -31.34 -10.80
CA THR A 202 -10.68 -31.01 -9.46
C THR A 202 -11.88 -30.87 -8.52
N PHE A 203 -12.88 -30.10 -8.94
CA PHE A 203 -14.06 -29.89 -8.13
C PHE A 203 -14.83 -31.20 -7.89
N ASP A 204 -15.05 -31.97 -8.94
CA ASP A 204 -15.81 -33.20 -8.83
C ASP A 204 -15.14 -34.25 -7.95
N GLU A 205 -13.81 -34.37 -8.06
CA GLU A 205 -13.05 -35.31 -7.26
C GLU A 205 -13.00 -34.91 -5.79
N ALA A 206 -12.97 -33.59 -5.54
CA ALA A 206 -13.02 -33.08 -4.18
C ALA A 206 -14.38 -33.39 -3.56
N MET A 207 -15.47 -33.15 -4.31
CA MET A 207 -16.81 -33.44 -3.80
C MET A 207 -17.00 -34.94 -3.56
N ALA A 208 -16.53 -35.77 -4.48
CA ALA A 208 -16.69 -37.22 -4.34
C ALA A 208 -16.00 -37.77 -3.08
N ASP A 209 -14.87 -37.14 -2.72
CA ASP A 209 -14.14 -37.52 -1.52
C ASP A 209 -14.16 -36.42 -0.47
N LEU A 210 -15.33 -35.80 -0.30
CA LEU A 210 -15.51 -34.72 0.64
C LEU A 210 -15.14 -35.15 2.06
N HIS A 211 -15.31 -36.44 2.36
CA HIS A 211 -14.97 -37.00 3.65
C HIS A 211 -13.48 -36.86 4.03
N THR A 212 -12.61 -36.52 3.06
CA THR A 212 -11.20 -36.32 3.34
C THR A 212 -10.84 -34.92 3.82
N LEU A 213 -11.82 -34.01 3.94
CA LEU A 213 -11.57 -32.71 4.53
C LEU A 213 -10.90 -32.87 5.89
N SER A 214 -9.93 -32.01 6.15
CA SER A 214 -9.23 -32.06 7.42
C SER A 214 -9.76 -31.03 8.42
N GLU A 215 -9.83 -31.43 9.70
CA GLU A 215 -10.28 -30.57 10.78
C GLU A 215 -9.60 -29.20 10.79
N ASP A 216 -8.31 -29.14 10.44
CA ASP A 216 -7.56 -27.91 10.57
C ASP A 216 -7.51 -27.06 9.29
N SER A 217 -8.09 -27.54 8.18
CA SER A 217 -8.03 -26.82 6.92
C SER A 217 -9.30 -26.84 6.05
N TYR A 218 -10.41 -27.35 6.57
CA TYR A 218 -11.59 -27.53 5.74
C TYR A 218 -12.16 -26.19 5.24
N LYS A 219 -11.95 -25.10 5.98
CA LYS A 219 -12.44 -23.80 5.54
C LYS A 219 -11.68 -23.32 4.31
N ASP A 220 -10.37 -23.59 4.27
CA ASP A 220 -9.58 -23.26 3.10
C ASP A 220 -9.97 -24.13 1.90
N SER A 221 -10.15 -25.43 2.15
CA SER A 221 -10.57 -26.33 1.08
C SER A 221 -11.89 -25.88 0.46
N THR A 222 -12.90 -25.62 1.30
CA THR A 222 -14.22 -25.32 0.76
C THR A 222 -14.20 -23.98 0.04
N LEU A 223 -13.35 -23.04 0.48
CA LEU A 223 -13.19 -21.78 -0.21
C LEU A 223 -12.63 -22.00 -1.62
N ILE A 224 -11.58 -22.82 -1.78
CA ILE A 224 -11.04 -23.06 -3.11
C ILE A 224 -12.04 -23.81 -3.98
N MET A 225 -12.79 -24.74 -3.40
CA MET A 225 -13.81 -25.46 -4.17
C MET A 225 -14.83 -24.50 -4.79
N GLN A 226 -15.27 -23.50 -4.02
CA GLN A 226 -16.19 -22.50 -4.51
C GLN A 226 -15.56 -21.64 -5.60
N LEU A 227 -14.26 -21.29 -5.46
CA LEU A 227 -13.59 -20.52 -6.50
C LEU A 227 -13.46 -21.32 -7.80
N LEU A 228 -13.24 -22.64 -7.70
CA LEU A 228 -13.27 -23.48 -8.90
C LEU A 228 -14.64 -23.40 -9.58
N ARG A 229 -15.71 -23.53 -8.78
CA ARG A 229 -17.08 -23.47 -9.30
C ARG A 229 -17.33 -22.11 -9.94
N ASP A 230 -16.85 -21.03 -9.31
CA ASP A 230 -17.05 -19.68 -9.83
C ASP A 230 -16.38 -19.50 -11.19
N ASN A 231 -15.17 -20.02 -11.35
CA ASN A 231 -14.50 -19.94 -12.65
C ASN A 231 -15.23 -20.78 -13.70
N LEU A 232 -15.70 -21.97 -13.31
CA LEU A 232 -16.46 -22.79 -14.22
C LEU A 232 -17.74 -22.09 -14.71
N THR A 233 -18.37 -21.31 -13.82
CA THR A 233 -19.53 -20.51 -14.19
C THR A 233 -19.16 -19.38 -15.13
N LEU A 234 -18.01 -18.74 -14.87
CA LEU A 234 -17.51 -17.68 -15.72
C LEU A 234 -17.15 -18.22 -17.10
N TRP A 235 -16.54 -19.41 -17.17
CA TRP A 235 -16.00 -19.93 -18.40
C TRP A 235 -17.00 -20.64 -19.30
N THR A 236 -18.20 -20.95 -18.77
CA THR A 236 -19.26 -21.62 -19.52
C THR A 236 -20.56 -20.78 -19.57
N ILE B 1 -13.90 -9.65 -17.02
CA ILE B 1 -13.69 -10.24 -15.68
C ILE B 1 -12.58 -11.28 -15.77
N ARG B 2 -11.47 -11.06 -15.04
CA ARG B 2 -10.40 -12.06 -14.95
C ARG B 2 -10.83 -13.27 -14.15
N SER B 3 -10.27 -14.43 -14.50
CA SER B 3 -10.43 -15.63 -13.69
C SER B 3 -9.87 -15.36 -12.29
N THR B 4 -10.51 -15.95 -11.27
CA THR B 4 -10.01 -15.86 -9.91
C THR B 4 -8.96 -16.94 -9.64
N THR B 6 -5.99 -18.44 -6.51
CA THR B 6 -5.98 -18.72 -5.09
C THR B 6 -5.77 -17.41 -4.35
N PRO B 7 -6.63 -17.10 -3.37
CA PRO B 7 -6.57 -15.81 -2.72
C PRO B 7 -5.46 -15.85 -1.69
N ASN B 8 -5.06 -14.64 -1.32
CA ASN B 8 -4.01 -14.44 -0.34
C ASN B 8 -4.55 -14.49 1.08
N VAL B 9 -5.28 -15.57 1.43
CA VAL B 9 -5.96 -15.60 2.70
C VAL B 9 -5.03 -16.42 3.58
N HIS B 10 -4.79 -15.91 4.80
CA HIS B 10 -4.01 -16.56 5.84
C HIS B 10 -4.41 -18.06 5.91
N GLY C 1 18.35 15.53 -8.06
CA GLY C 1 18.03 14.16 -7.70
C GLY C 1 17.58 13.33 -8.90
N ALA C 2 16.92 12.22 -8.60
CA ALA C 2 16.58 11.20 -9.58
C ALA C 2 15.60 11.67 -10.65
N MET C 3 14.88 12.77 -10.38
CA MET C 3 13.91 13.30 -11.34
C MET C 3 14.47 14.52 -12.10
N GLY C 4 15.76 14.80 -11.88
CA GLY C 4 16.40 15.99 -12.42
C GLY C 4 16.39 16.09 -13.95
N SER C 5 16.44 14.96 -14.66
CA SER C 5 16.49 14.98 -16.11
C SER C 5 15.10 14.97 -16.77
N MET C 6 14.04 14.81 -15.98
CA MET C 6 12.69 14.72 -16.53
C MET C 6 12.02 16.08 -16.61
N GLU C 7 11.36 16.38 -17.73
CA GLU C 7 10.59 17.60 -17.84
C GLU C 7 9.50 17.73 -16.77
N ARG C 8 9.33 18.96 -16.27
CA ARG C 8 8.30 19.25 -15.29
C ARG C 8 6.93 18.70 -15.71
N ALA C 9 6.54 18.95 -16.97
CA ALA C 9 5.22 18.54 -17.42
C ALA C 9 5.09 17.02 -17.40
N SER C 10 6.18 16.31 -17.73
CA SER C 10 6.21 14.86 -17.69
C SER C 10 6.07 14.33 -16.27
N LEU C 11 6.72 15.00 -15.32
CA LEU C 11 6.59 14.64 -13.91
C LEU C 11 5.15 14.79 -13.40
N ILE C 12 4.49 15.88 -13.79
CA ILE C 12 3.10 16.10 -13.41
C ILE C 12 2.21 15.01 -14.01
N GLN C 13 2.41 14.73 -15.29
CA GLN C 13 1.69 13.68 -15.99
C GLN C 13 1.83 12.32 -15.30
N LYS C 14 3.06 11.97 -14.93
CA LYS C 14 3.33 10.70 -14.28
C LYS C 14 2.79 10.67 -12.85
N ALA C 15 2.77 11.81 -12.16
CA ALA C 15 2.12 11.86 -10.85
C ALA C 15 0.65 11.49 -10.99
N LYS C 16 0.00 12.00 -12.02
CA LYS C 16 -1.42 11.70 -12.24
C LYS C 16 -1.63 10.22 -12.55
N LEU C 17 -0.74 9.64 -13.36
CA LEU C 17 -0.79 8.21 -13.65
C LEU C 17 -0.59 7.36 -12.40
N ALA C 18 0.39 7.74 -11.59
CA ALA C 18 0.68 7.03 -10.35
C ALA C 18 -0.51 7.09 -9.39
N GLU C 19 -1.20 8.23 -9.35
CA GLU C 19 -2.41 8.36 -8.55
C GLU C 19 -3.46 7.35 -9.04
N GLN C 20 -3.64 7.26 -10.35
CA GLN C 20 -4.58 6.30 -10.90
C GLN C 20 -4.18 4.86 -10.60
N ALA C 21 -2.88 4.59 -10.54
CA ALA C 21 -2.38 3.26 -10.26
C ALA C 21 -2.22 2.98 -8.76
N GLU C 22 -2.59 3.95 -7.93
CA GLU C 22 -2.47 3.87 -6.48
C GLU C 22 -1.02 3.60 -6.08
N ARG C 23 -0.10 4.25 -6.80
CA ARG C 23 1.33 4.11 -6.53
C ARG C 23 1.79 5.40 -5.87
N TYR C 24 1.50 5.54 -4.57
CA TYR C 24 1.62 6.84 -3.94
C TYR C 24 3.07 7.23 -3.65
N GLU C 25 3.95 6.25 -3.39
CA GLU C 25 5.37 6.57 -3.23
C GLU C 25 5.91 7.15 -4.54
N ASP C 26 5.57 6.51 -5.66
CA ASP C 26 5.97 7.03 -6.97
C ASP C 26 5.40 8.43 -7.20
N MET C 27 4.11 8.60 -6.87
CA MET C 27 3.44 9.89 -7.03
C MET C 27 4.18 10.97 -6.24
N ALA C 28 4.56 10.66 -5.00
CA ALA C 28 5.27 11.62 -4.17
C ALA C 28 6.62 11.95 -4.78
N ALA C 29 7.34 10.95 -5.30
CA ALA C 29 8.65 11.17 -5.90
C ALA C 29 8.55 12.07 -7.14
N PHE C 30 7.55 11.81 -8.00
CA PHE C 30 7.33 12.66 -9.16
C PHE C 30 7.02 14.11 -8.77
N MET C 31 6.17 14.29 -7.75
CA MET C 31 5.81 15.63 -7.33
C MET C 31 6.97 16.35 -6.66
N LYS C 32 7.84 15.62 -5.93
CA LYS C 32 9.04 16.22 -5.38
C LYS C 32 9.92 16.73 -6.53
N GLY C 33 10.08 15.89 -7.54
CA GLY C 33 10.79 16.29 -8.75
C GLY C 33 10.23 17.56 -9.37
N ALA C 34 8.90 17.66 -9.43
CA ALA C 34 8.27 18.81 -10.03
C ALA C 34 8.51 20.07 -9.18
N VAL C 35 8.36 19.93 -7.86
CA VAL C 35 8.67 21.02 -6.95
C VAL C 35 10.09 21.54 -7.17
N GLU C 36 11.04 20.63 -7.33
CA GLU C 36 12.44 20.97 -7.41
C GLU C 36 12.82 21.69 -8.70
N LYS C 37 11.89 21.76 -9.67
CA LYS C 37 12.11 22.59 -10.84
C LYS C 37 12.10 24.06 -10.45
N GLY C 38 11.50 24.38 -9.30
CA GLY C 38 11.59 25.73 -8.75
C GLY C 38 10.53 26.69 -9.27
N GLU C 39 9.53 26.19 -10.01
CA GLU C 39 8.37 26.99 -10.36
C GLU C 39 7.26 26.76 -9.35
N GLU C 40 6.33 27.72 -9.28
CA GLU C 40 5.16 27.58 -8.43
C GLU C 40 4.30 26.40 -8.84
N LEU C 41 3.61 25.81 -7.86
CA LEU C 41 2.57 24.83 -8.13
C LEU C 41 1.19 25.50 -8.17
N SER C 42 0.38 25.13 -9.17
CA SER C 42 -1.04 25.48 -9.17
C SER C 42 -1.81 24.74 -8.08
N CYS C 43 -3.06 25.16 -7.87
CA CYS C 43 -4.02 24.50 -7.00
C CYS C 43 -4.10 22.99 -7.25
N GLU C 44 -4.28 22.61 -8.51
CA GLU C 44 -4.36 21.22 -8.91
C GLU C 44 -3.07 20.46 -8.63
N GLU C 45 -1.92 21.12 -8.82
CA GLU C 45 -0.62 20.50 -8.57
C GLU C 45 -0.36 20.37 -7.07
N ARG C 46 -0.78 21.37 -6.28
CA ARG C 46 -0.72 21.27 -4.83
C ARG C 46 -1.53 20.08 -4.33
N ASN C 47 -2.66 19.82 -4.98
CA ASN C 47 -3.47 18.66 -4.65
C ASN C 47 -2.72 17.36 -4.85
N LEU C 48 -2.04 17.21 -5.99
CA LEU C 48 -1.23 16.03 -6.27
C LEU C 48 -0.15 15.84 -5.21
N LEU C 49 0.56 16.92 -4.88
CA LEU C 49 1.59 16.87 -3.85
C LEU C 49 1.01 16.39 -2.51
N SER C 50 -0.13 16.99 -2.14
CA SER C 50 -0.80 16.70 -0.89
C SER C 50 -1.28 15.26 -0.79
N VAL C 51 -1.96 14.81 -1.85
CA VAL C 51 -2.51 13.46 -1.88
C VAL C 51 -1.39 12.43 -1.76
N ALA C 52 -0.30 12.64 -2.50
CA ALA C 52 0.78 11.68 -2.55
C ALA C 52 1.41 11.50 -1.18
N TYR C 53 1.88 12.60 -0.59
CA TYR C 53 2.57 12.50 0.67
C TYR C 53 1.64 12.09 1.81
N LYS C 54 0.36 12.51 1.75
CA LYS C 54 -0.58 12.14 2.81
C LYS C 54 -0.84 10.64 2.80
N ASN C 55 -0.90 10.05 1.60
CA ASN C 55 -1.04 8.60 1.48
C ASN C 55 0.17 7.89 2.06
N VAL C 56 1.37 8.34 1.72
CA VAL C 56 2.59 7.69 2.20
C VAL C 56 2.66 7.77 3.73
N VAL C 57 2.55 8.99 4.27
CA VAL C 57 2.70 9.17 5.70
C VAL C 57 1.53 8.55 6.45
N GLY C 58 0.34 8.54 5.83
CA GLY C 58 -0.84 7.89 6.41
C GLY C 58 -0.66 6.40 6.67
N GLY C 59 -0.06 5.70 5.70
CA GLY C 59 0.29 4.30 5.87
C GLY C 59 1.31 4.08 6.99
N GLN C 60 2.30 4.97 7.09
CA GLN C 60 3.30 4.87 8.15
C GLN C 60 2.71 5.13 9.53
N ARG C 61 1.86 6.18 9.64
CA ARG C 61 1.17 6.47 10.90
C ARG C 61 0.31 5.30 11.34
N ALA C 62 -0.46 4.73 10.40
CA ALA C 62 -1.31 3.60 10.73
C ALA C 62 -0.49 2.42 11.22
N ALA C 63 0.62 2.13 10.54
CA ALA C 63 1.52 1.05 10.95
C ALA C 63 2.16 1.32 12.31
N TRP C 64 2.64 2.56 12.52
CA TRP C 64 3.22 2.96 13.78
C TRP C 64 2.26 2.76 14.95
N ARG C 65 0.99 3.11 14.74
CA ARG C 65 -0.03 2.99 15.77
C ARG C 65 -0.29 1.54 16.15
N VAL C 66 -0.33 0.65 15.16
CA VAL C 66 -0.48 -0.78 15.42
C VAL C 66 0.67 -1.30 16.27
N LEU C 67 1.90 -0.96 15.88
CA LEU C 67 3.08 -1.48 16.55
C LEU C 67 3.23 -0.86 17.94
N SER C 68 2.96 0.44 18.06
CA SER C 68 2.99 1.11 19.36
C SER C 68 1.98 0.50 20.34
N SER C 69 0.79 0.16 19.84
CA SER C 69 -0.21 -0.48 20.67
C SER C 69 0.22 -1.88 21.13
N ILE C 70 0.83 -2.67 20.23
CA ILE C 70 1.38 -3.97 20.60
C ILE C 70 2.46 -3.78 21.66
N GLU C 71 3.29 -2.76 21.46
CA GLU C 71 4.41 -2.46 22.34
C GLU C 71 3.95 -2.09 23.75
N GLN C 72 3.00 -1.16 23.85
CA GLN C 72 2.48 -0.76 25.15
C GLN C 72 1.83 -1.95 25.85
N LYS C 73 1.07 -2.75 25.09
CA LYS C 73 0.41 -3.93 25.66
C LYS C 73 1.43 -4.99 26.13
N SER C 74 2.55 -5.12 25.42
CA SER C 74 3.61 -6.05 25.80
C SER C 74 4.48 -5.55 26.95
N ASN C 75 4.25 -4.30 27.40
CA ASN C 75 4.87 -3.74 28.59
C ASN C 75 3.90 -3.69 29.78
N GLU C 76 3.11 -4.77 29.93
CA GLU C 76 2.30 -5.05 31.10
C GLU C 76 2.89 -6.28 31.80
N LYS C 82 9.53 -10.53 27.42
CA LYS C 82 9.50 -9.76 26.16
C LYS C 82 10.89 -9.53 25.60
N GLY C 83 11.09 -9.87 24.33
CA GLY C 83 12.32 -9.53 23.62
C GLY C 83 12.28 -8.12 23.05
N PRO C 84 13.36 -7.67 22.38
CA PRO C 84 13.41 -6.32 21.82
C PRO C 84 12.70 -6.10 20.49
N GLU C 85 12.15 -7.17 19.89
CA GLU C 85 11.73 -7.11 18.49
C GLU C 85 10.62 -6.09 18.19
N VAL C 86 9.60 -6.02 19.05
CA VAL C 86 8.51 -5.08 18.82
C VAL C 86 9.06 -3.65 18.84
N ARG C 87 9.84 -3.32 19.89
CA ARG C 87 10.42 -1.98 19.96
C ARG C 87 11.28 -1.69 18.72
N GLU C 88 12.16 -2.64 18.37
CA GLU C 88 13.02 -2.44 17.22
C GLU C 88 12.24 -2.12 15.96
N TYR C 89 11.18 -2.90 15.70
CA TYR C 89 10.44 -2.72 14.47
C TYR C 89 9.60 -1.44 14.52
N ARG C 90 9.03 -1.12 15.69
CA ARG C 90 8.35 0.16 15.85
C ARG C 90 9.30 1.34 15.56
N GLU C 91 10.55 1.25 16.07
CA GLU C 91 11.56 2.27 15.80
C GLU C 91 11.92 2.39 14.32
N LYS C 92 11.94 1.25 13.61
CA LYS C 92 12.23 1.24 12.19
C LYS C 92 11.17 2.01 11.42
N VAL C 93 9.90 1.69 11.71
CA VAL C 93 8.80 2.37 11.04
C VAL C 93 8.79 3.85 11.42
N GLU C 94 9.07 4.14 12.68
CA GLU C 94 9.12 5.51 13.18
C GLU C 94 10.18 6.33 12.43
N THR C 95 11.36 5.73 12.26
CA THR C 95 12.45 6.38 11.56
C THR C 95 12.07 6.71 10.13
N GLU C 96 11.40 5.77 9.45
CA GLU C 96 10.95 6.01 8.10
C GLU C 96 9.94 7.15 8.03
N LEU C 97 9.01 7.18 8.98
CA LEU C 97 7.98 8.22 9.04
C LEU C 97 8.62 9.59 9.23
N GLN C 98 9.58 9.67 10.15
CA GLN C 98 10.29 10.91 10.40
C GLN C 98 11.03 11.36 9.13
N GLY C 99 11.56 10.40 8.36
CA GLY C 99 12.24 10.70 7.12
C GLY C 99 11.34 11.37 6.09
N VAL C 100 10.11 10.83 5.97
CA VAL C 100 9.13 11.38 5.06
C VAL C 100 8.70 12.79 5.50
N CYS C 101 8.42 12.99 6.79
CA CYS C 101 8.10 14.31 7.32
C CYS C 101 9.22 15.32 7.07
N ASP C 102 10.47 14.89 7.28
CA ASP C 102 11.61 15.76 7.05
C ASP C 102 11.73 16.12 5.56
N THR C 103 11.46 15.16 4.67
CA THR C 103 11.42 15.46 3.25
C THR C 103 10.40 16.54 2.92
N VAL C 104 9.18 16.36 3.42
CA VAL C 104 8.10 17.31 3.14
C VAL C 104 8.43 18.69 3.70
N LEU C 105 8.88 18.73 4.96
CA LEU C 105 9.24 19.99 5.59
C LEU C 105 10.39 20.67 4.86
N GLY C 106 11.33 19.86 4.36
CA GLY C 106 12.42 20.38 3.54
C GLY C 106 11.94 21.01 2.25
N LEU C 107 11.00 20.35 1.54
CA LEU C 107 10.43 20.92 0.32
C LEU C 107 9.73 22.24 0.59
N LEU C 108 8.97 22.28 1.69
CA LEU C 108 8.19 23.45 2.04
C LEU C 108 9.14 24.60 2.31
N ASP C 109 10.19 24.33 3.08
CA ASP C 109 11.11 25.39 3.47
C ASP C 109 12.00 25.82 2.30
N SER C 110 12.54 24.86 1.55
CA SER C 110 13.49 25.21 0.48
C SER C 110 12.81 25.78 -0.76
N HIS C 111 11.57 25.36 -1.06
CA HIS C 111 10.98 25.70 -2.35
C HIS C 111 9.61 26.40 -2.32
N LEU C 112 8.72 26.00 -1.41
CA LEU C 112 7.29 26.30 -1.57
C LEU C 112 6.77 27.47 -0.74
N ILE C 113 7.26 27.60 0.51
CA ILE C 113 6.83 28.69 1.37
C ILE C 113 7.54 29.98 0.96
N LYS C 114 6.74 30.98 0.61
CA LYS C 114 7.23 32.25 0.09
C LYS C 114 6.39 33.38 0.66
N GLU C 115 6.96 34.60 0.68
CA GLU C 115 6.20 35.80 0.99
C GLU C 115 5.21 36.16 -0.11
N ALA C 116 5.58 35.86 -1.37
CA ALA C 116 4.73 36.15 -2.52
C ALA C 116 3.67 35.08 -2.77
N GLY C 117 2.82 35.30 -3.79
CA GLY C 117 1.82 34.34 -4.21
C GLY C 117 0.46 34.60 -3.56
N ASP C 118 -0.59 33.94 -4.05
CA ASP C 118 -1.92 34.19 -3.54
C ASP C 118 -2.09 33.61 -2.12
N ALA C 119 -3.19 34.01 -1.49
CA ALA C 119 -3.50 33.62 -0.12
C ALA C 119 -3.66 32.11 -0.01
N GLU C 120 -4.38 31.52 -0.98
CA GLU C 120 -4.55 30.09 -1.00
C GLU C 120 -3.24 29.33 -0.90
N SER C 121 -2.26 29.69 -1.75
CA SER C 121 -1.00 28.97 -1.76
C SER C 121 -0.27 29.15 -0.44
N ARG C 122 -0.22 30.37 0.08
CA ARG C 122 0.53 30.65 1.30
C ARG C 122 -0.09 29.94 2.49
N VAL C 123 -1.43 29.94 2.56
CA VAL C 123 -2.12 29.27 3.63
C VAL C 123 -1.94 27.75 3.51
N PHE C 124 -2.08 27.23 2.29
CA PHE C 124 -1.98 25.80 2.08
C PHE C 124 -0.63 25.29 2.56
N TYR C 125 0.46 25.98 2.19
CA TYR C 125 1.80 25.49 2.51
C TYR C 125 2.09 25.58 4.01
N LEU C 126 1.62 26.64 4.66
CA LEU C 126 1.81 26.79 6.09
C LEU C 126 0.96 25.77 6.85
N LYS C 127 -0.25 25.49 6.36
CA LYS C 127 -1.06 24.40 6.90
C LYS C 127 -0.30 23.07 6.79
N MET C 128 0.29 22.81 5.61
CA MET C 128 1.01 21.57 5.38
C MET C 128 2.21 21.48 6.33
N LYS C 129 2.91 22.58 6.56
CA LYS C 129 3.99 22.62 7.53
C LYS C 129 3.53 22.24 8.93
N GLY C 130 2.41 22.82 9.37
CA GLY C 130 1.81 22.44 10.64
C GLY C 130 1.48 20.96 10.73
N ASP C 131 0.85 20.43 9.68
CA ASP C 131 0.47 19.03 9.64
C ASP C 131 1.67 18.09 9.79
N TYR C 132 2.75 18.35 9.03
CA TYR C 132 3.89 17.43 9.06
C TYR C 132 4.73 17.60 10.32
N TYR C 133 4.73 18.77 10.95
CA TYR C 133 5.27 18.88 12.29
C TYR C 133 4.38 18.10 13.28
N ARG C 134 3.06 18.17 13.10
CA ARG C 134 2.13 17.44 13.93
C ARG C 134 2.38 15.93 13.85
N TYR C 135 2.61 15.42 12.64
CA TYR C 135 2.91 14.00 12.48
C TYR C 135 4.22 13.65 13.17
N LEU C 136 5.22 14.54 13.12
CA LEU C 136 6.45 14.32 13.88
C LEU C 136 6.17 14.32 15.38
N ALA C 137 5.27 15.20 15.82
CA ALA C 137 4.94 15.31 17.22
C ALA C 137 4.26 14.05 17.76
N GLU C 138 3.49 13.35 16.91
CA GLU C 138 2.83 12.12 17.32
C GLU C 138 3.82 11.05 17.79
N VAL C 139 5.03 11.05 17.25
CA VAL C 139 6.01 10.03 17.60
C VAL C 139 7.21 10.57 18.38
N ALA C 140 7.21 11.88 18.68
CA ALA C 140 8.38 12.50 19.31
C ALA C 140 8.38 12.31 20.82
N THR C 141 9.58 12.46 21.42
CA THR C 141 9.72 12.58 22.87
C THR C 141 10.68 13.69 23.29
N GLY C 142 10.61 14.06 24.56
CA GLY C 142 11.60 14.91 25.20
C GLY C 142 11.79 16.29 24.56
N ASP C 143 13.04 16.75 24.50
CA ASP C 143 13.35 18.07 23.97
C ASP C 143 12.92 18.19 22.51
N ASP C 144 13.13 17.14 21.72
CA ASP C 144 12.77 17.17 20.30
C ASP C 144 11.28 17.53 20.19
N LYS C 145 10.45 16.94 21.06
CA LYS C 145 9.00 17.10 20.99
C LYS C 145 8.49 18.50 21.28
N LYS C 146 9.06 19.15 22.31
CA LYS C 146 8.68 20.52 22.63
C LYS C 146 8.98 21.43 21.45
N ARG C 147 10.17 21.29 20.84
CA ARG C 147 10.55 22.06 19.67
C ARG C 147 9.54 21.83 18.54
N ILE C 148 9.20 20.56 18.29
CA ILE C 148 8.30 20.19 17.21
C ILE C 148 6.91 20.77 17.40
N ILE C 149 6.36 20.64 18.61
CA ILE C 149 5.05 21.20 18.91
C ILE C 149 5.01 22.71 18.70
N ASP C 150 6.06 23.42 19.15
CA ASP C 150 6.13 24.88 18.95
C ASP C 150 6.16 25.22 17.46
N SER C 151 6.95 24.47 16.70
CA SER C 151 7.01 24.68 15.27
C SER C 151 5.65 24.45 14.59
N ALA C 152 4.94 23.39 14.98
CA ALA C 152 3.60 23.13 14.47
C ALA C 152 2.64 24.28 14.80
N ARG C 153 2.59 24.66 16.06
CA ARG C 153 1.71 25.74 16.49
C ARG C 153 1.98 27.03 15.72
N SER C 154 3.26 27.40 15.59
CA SER C 154 3.65 28.61 14.89
C SER C 154 3.26 28.61 13.41
N ALA C 155 3.44 27.47 12.74
CA ALA C 155 3.01 27.35 11.35
C ALA C 155 1.49 27.51 11.21
N TYR C 156 0.74 26.78 12.05
CA TYR C 156 -0.70 26.87 12.01
C TYR C 156 -1.19 28.29 12.32
N GLN C 157 -0.57 28.94 13.30
CA GLN C 157 -1.05 30.25 13.72
C GLN C 157 -0.81 31.27 12.61
N GLU C 158 0.35 31.20 11.94
CA GLU C 158 0.61 32.09 10.82
C GLU C 158 -0.40 31.85 9.70
N ALA C 159 -0.70 30.58 9.42
CA ALA C 159 -1.69 30.25 8.41
C ALA C 159 -3.06 30.82 8.78
N MET C 160 -3.43 30.71 10.06
CA MET C 160 -4.73 31.18 10.53
C MET C 160 -4.85 32.68 10.33
N ASP C 161 -3.78 33.41 10.68
CA ASP C 161 -3.76 34.86 10.59
C ASP C 161 -4.04 35.31 9.16
N ILE C 162 -3.33 34.72 8.20
CA ILE C 162 -3.55 35.00 6.78
C ILE C 162 -4.95 34.63 6.31
N SER C 163 -5.43 33.43 6.69
CA SER C 163 -6.72 32.97 6.21
C SER C 163 -7.85 33.88 6.70
N LYS C 164 -7.78 34.35 7.93
CA LYS C 164 -8.86 35.20 8.47
C LYS C 164 -8.87 36.56 7.81
N LYS C 165 -7.70 37.05 7.39
CA LYS C 165 -7.62 38.34 6.70
C LYS C 165 -7.96 38.24 5.22
N GLU C 166 -7.58 37.15 4.56
CA GLU C 166 -7.57 37.13 3.11
C GLU C 166 -8.56 36.18 2.45
N MET C 167 -9.24 35.33 3.24
CA MET C 167 -10.10 34.31 2.64
C MET C 167 -11.49 34.36 3.24
N PRO C 168 -12.54 34.03 2.46
CA PRO C 168 -13.88 33.89 3.03
C PRO C 168 -13.94 32.78 4.05
N PRO C 169 -14.87 32.86 5.02
CA PRO C 169 -14.96 31.88 6.09
C PRO C 169 -15.39 30.46 5.69
N THR C 170 -15.88 30.30 4.44
CA THR C 170 -16.18 28.98 3.89
C THR C 170 -15.09 28.42 2.98
N ASN C 171 -14.00 29.17 2.78
CA ASN C 171 -12.94 28.68 1.92
C ASN C 171 -12.42 27.34 2.44
N PRO C 172 -12.32 26.30 1.59
CA PRO C 172 -12.00 24.95 2.05
C PRO C 172 -10.61 24.79 2.66
N ILE C 173 -9.63 25.55 2.17
CA ILE C 173 -8.31 25.58 2.77
C ILE C 173 -8.36 26.21 4.16
N ARG C 174 -9.07 27.34 4.28
CA ARG C 174 -9.27 27.96 5.59
C ARG C 174 -9.95 27.00 6.56
N LEU C 175 -10.99 26.32 6.09
CA LEU C 175 -11.71 25.38 6.95
C LEU C 175 -10.85 24.17 7.33
N GLY C 176 -10.16 23.61 6.35
CA GLY C 176 -9.32 22.46 6.59
C GLY C 176 -8.16 22.78 7.53
N LEU C 177 -7.58 23.98 7.37
CA LEU C 177 -6.58 24.46 8.32
C LEU C 177 -7.14 24.50 9.74
N ALA C 178 -8.32 25.12 9.90
CA ALA C 178 -8.94 25.26 11.20
C ALA C 178 -9.27 23.90 11.82
N LEU C 179 -9.76 22.99 10.98
CA LEU C 179 -10.03 21.62 11.42
C LEU C 179 -8.74 20.98 11.93
N ASN C 180 -7.67 21.09 11.15
CA ASN C 180 -6.41 20.44 11.54
C ASN C 180 -5.78 21.10 12.76
N PHE C 181 -5.88 22.42 12.89
CA PHE C 181 -5.35 23.11 14.06
C PHE C 181 -6.12 22.71 15.31
N SER C 182 -7.44 22.52 15.16
CA SER C 182 -8.26 22.11 16.27
C SER C 182 -7.87 20.70 16.71
N VAL C 183 -7.53 19.82 15.75
CA VAL C 183 -7.07 18.48 16.05
C VAL C 183 -5.74 18.54 16.79
N PHE C 184 -4.83 19.41 16.34
CA PHE C 184 -3.59 19.70 17.06
C PHE C 184 -3.85 20.05 18.52
N HIS C 185 -4.77 21.01 18.74
CA HIS C 185 -5.08 21.44 20.09
C HIS C 185 -5.57 20.27 20.96
N TYR C 186 -6.47 19.46 20.39
CA TYR C 186 -7.08 18.37 21.13
C TYR C 186 -6.12 17.21 21.37
N GLU C 187 -5.48 16.74 20.28
CA GLU C 187 -4.73 15.50 20.31
C GLU C 187 -3.25 15.65 20.68
N ILE C 188 -2.66 16.83 20.41
CA ILE C 188 -1.23 17.03 20.58
C ILE C 188 -0.92 17.93 21.75
N ALA C 189 -1.54 19.12 21.78
CA ALA C 189 -1.20 20.15 22.74
C ALA C 189 -1.99 20.02 24.04
N ASN C 190 -2.85 18.99 24.12
CA ASN C 190 -3.71 18.75 25.26
C ASN C 190 -4.42 20.03 25.74
N SER C 191 -5.15 20.65 24.80
CA SER C 191 -5.92 21.85 25.07
C SER C 191 -7.32 21.67 24.51
N PRO C 192 -8.15 20.79 25.11
CA PRO C 192 -9.49 20.52 24.58
C PRO C 192 -10.35 21.77 24.42
N GLU C 193 -10.24 22.71 25.36
CA GLU C 193 -11.05 23.92 25.35
C GLU C 193 -10.74 24.77 24.12
N GLU C 194 -9.44 24.89 23.79
CA GLU C 194 -9.01 25.63 22.62
C GLU C 194 -9.48 24.95 21.34
N ALA C 195 -9.42 23.61 21.35
CA ALA C 195 -9.87 22.82 20.21
C ALA C 195 -11.37 23.04 19.98
N ILE C 196 -12.17 22.91 21.04
CA ILE C 196 -13.62 23.03 20.94
C ILE C 196 -13.99 24.43 20.46
N SER C 197 -13.37 25.43 21.09
CA SER C 197 -13.64 26.82 20.78
C SER C 197 -13.31 27.15 19.32
N LEU C 198 -12.16 26.69 18.84
CA LEU C 198 -11.77 26.94 17.45
C LEU C 198 -12.74 26.27 16.49
N ALA C 199 -13.08 25.00 16.77
CA ALA C 199 -13.97 24.26 15.88
C ALA C 199 -15.36 24.87 15.83
N LYS C 200 -15.89 25.25 17.00
CA LYS C 200 -17.20 25.89 17.07
C LYS C 200 -17.21 27.23 16.33
N THR C 201 -16.23 28.09 16.62
CA THR C 201 -16.11 29.37 15.94
C THR C 201 -16.01 29.20 14.43
N THR C 202 -15.20 28.25 13.98
CA THR C 202 -15.02 27.99 12.55
C THR C 202 -16.34 27.57 11.91
N PHE C 203 -17.02 26.61 12.52
CA PHE C 203 -18.28 26.13 11.97
C PHE C 203 -19.34 27.23 11.96
N ASP C 204 -19.48 27.94 13.07
CA ASP C 204 -20.49 28.98 13.17
C ASP C 204 -20.26 30.13 12.19
N GLU C 205 -19.00 30.56 12.03
CA GLU C 205 -18.66 31.64 11.12
C GLU C 205 -18.85 31.24 9.66
N ALA C 206 -18.63 29.97 9.34
CA ALA C 206 -18.91 29.44 8.01
C ALA C 206 -20.40 29.47 7.72
N MET C 207 -21.22 29.01 8.68
CA MET C 207 -22.66 29.02 8.52
C MET C 207 -23.19 30.46 8.39
N ALA C 208 -22.66 31.37 9.21
CA ALA C 208 -23.12 32.76 9.22
C ALA C 208 -22.91 33.44 7.86
N ASP C 209 -21.83 33.06 7.16
CA ASP C 209 -21.53 33.57 5.83
C ASP C 209 -21.56 32.45 4.79
N LEU C 210 -22.60 31.61 4.89
CA LEU C 210 -22.73 30.46 4.01
C LEU C 210 -22.73 30.86 2.53
N HIS C 211 -23.26 32.04 2.27
CA HIS C 211 -23.36 32.58 0.93
C HIS C 211 -22.02 32.76 0.21
N THR C 212 -20.89 32.67 0.94
CA THR C 212 -19.58 32.78 0.33
C THR C 212 -19.03 31.47 -0.25
N LEU C 213 -19.79 30.37 -0.16
CA LEU C 213 -19.40 29.13 -0.82
C LEU C 213 -19.11 29.41 -2.30
N SER C 214 -18.08 28.78 -2.82
CA SER C 214 -17.69 28.95 -4.20
C SER C 214 -18.17 27.80 -5.07
N GLU C 215 -18.60 28.12 -6.30
CA GLU C 215 -19.06 27.11 -7.23
C GLU C 215 -18.08 25.97 -7.47
N ASP C 216 -16.78 26.24 -7.42
CA ASP C 216 -15.81 25.20 -7.73
C ASP C 216 -15.26 24.45 -6.52
N SER C 217 -15.68 24.83 -5.29
CA SER C 217 -15.21 24.15 -4.10
C SER C 217 -16.22 23.89 -2.97
N TYR C 218 -17.50 24.13 -3.22
CA TYR C 218 -18.50 24.05 -2.16
C TYR C 218 -18.62 22.64 -1.59
N LYS C 219 -18.31 21.61 -2.39
CA LYS C 219 -18.38 20.24 -1.91
C LYS C 219 -17.31 19.98 -0.87
N ASP C 220 -16.12 20.52 -1.09
CA ASP C 220 -15.04 20.42 -0.12
C ASP C 220 -15.37 21.21 1.14
N SER C 221 -15.87 22.43 0.97
CA SER C 221 -16.27 23.23 2.12
C SER C 221 -17.27 22.51 3.01
N THR C 222 -18.34 21.97 2.40
CA THR C 222 -19.42 21.41 3.19
C THR C 222 -18.96 20.12 3.86
N LEU C 223 -18.06 19.39 3.21
CA LEU C 223 -17.44 18.23 3.84
C LEU C 223 -16.65 18.60 5.10
N ILE C 224 -15.82 19.66 5.05
CA ILE C 224 -15.06 20.04 6.23
C ILE C 224 -16.01 20.55 7.32
N MET C 225 -17.07 21.26 6.94
CA MET C 225 -18.03 21.73 7.94
C MET C 225 -18.64 20.57 8.74
N GLN C 226 -18.98 19.49 8.04
CA GLN C 226 -19.49 18.29 8.70
C GLN C 226 -18.46 17.64 9.62
N LEU C 227 -17.18 17.62 9.19
CA LEU C 227 -16.12 17.07 10.01
C LEU C 227 -15.90 17.91 11.27
N LEU C 228 -16.03 19.24 11.18
CA LEU C 228 -15.98 20.08 12.36
C LEU C 228 -17.10 19.69 13.33
N ARG C 229 -18.32 19.54 12.80
CA ARG C 229 -19.46 19.13 13.62
C ARG C 229 -19.21 17.77 14.27
N ASP C 230 -18.63 16.82 13.53
CA ASP C 230 -18.39 15.48 14.05
C ASP C 230 -17.41 15.52 15.20
N ASN C 231 -16.35 16.32 15.09
CA ASN C 231 -15.39 16.45 16.19
C ASN C 231 -16.03 17.11 17.40
N LEU C 232 -16.83 18.15 17.16
CA LEU C 232 -17.54 18.80 18.25
C LEU C 232 -18.46 17.83 18.99
N THR C 233 -19.10 16.91 18.27
CA THR C 233 -19.92 15.89 18.88
C THR C 233 -19.10 14.88 19.68
N LEU C 234 -17.92 14.53 19.15
CA LEU C 234 -17.01 13.64 19.83
C LEU C 234 -16.47 14.29 21.11
N TRP C 235 -16.15 15.58 21.05
CA TRP C 235 -15.47 16.26 22.14
C TRP C 235 -16.39 16.76 23.26
N THR C 236 -17.71 16.76 23.02
CA THR C 236 -18.71 17.18 24.00
C THR C 236 -19.75 16.08 24.25
N ILE D 1 -11.69 6.90 20.37
CA ILE D 1 -11.73 7.24 18.94
C ILE D 1 -10.95 8.54 18.69
N ARG D 2 -10.09 8.52 17.67
CA ARG D 2 -9.24 9.66 17.36
C ARG D 2 -10.03 10.76 16.65
N SER D 3 -9.67 12.02 16.89
CA SER D 3 -10.29 13.13 16.20
C SER D 3 -10.04 13.00 14.71
N THR D 4 -11.00 13.45 13.89
CA THR D 4 -10.88 13.42 12.45
C THR D 4 -10.23 14.70 11.91
N THR D 6 -8.46 16.70 8.22
CA THR D 6 -8.86 16.91 6.84
C THR D 6 -8.56 15.66 6.02
N PRO D 7 -9.52 15.14 5.23
CA PRO D 7 -9.31 13.91 4.50
C PRO D 7 -8.48 14.20 3.27
N ASN D 8 -7.98 13.11 2.73
CA ASN D 8 -7.08 13.13 1.61
C ASN D 8 -7.87 12.99 0.33
N VAL D 9 -8.81 13.93 0.13
CA VAL D 9 -9.70 13.91 -1.01
C VAL D 9 -9.78 15.32 -1.57
N HIS D 10 -10.41 15.48 -2.73
CA HIS D 10 -10.59 16.79 -3.33
C HIS D 10 -11.67 16.74 -4.43
#